data_5TW2
#
_entry.id   5TW2
#
_cell.length_a   42.203
_cell.length_b   107.466
_cell.length_c   109.550
_cell.angle_alpha   90.00
_cell.angle_beta   90.00
_cell.angle_gamma   90.00
#
_symmetry.space_group_name_H-M   'P 21 21 21'
#
loop_
_entity.id
_entity.type
_entity.pdbx_description
1 polymer 'Antigen-presenting glycoprotein CD1d1'
2 polymer Beta-2-microglobulin
3 branched 2-acetamido-2-deoxy-beta-D-glucopyranose-(1-4)-[alpha-L-fucopyranose-(1-6)]2-acetamido-2-deoxy-beta-D-glucopyranose
4 non-polymer 2-acetamido-2-deoxy-beta-D-glucopyranose
5 non-polymer (5R,6S,7S)-5,6-dihydroxy-7-(octanoylamino)-N-(6-phenylhexyl)-8-{[(2S,3R,4S,5R,6R)-3,4,5-trihydroxy-6-(hydroxymethyl)tetrahydro-2H-pyran-2-yl]oxy}octanamide
6 non-polymer 'PALMITIC ACID'
7 water water
#
loop_
_entity_poly.entity_id
_entity_poly.type
_entity_poly.pdbx_seq_one_letter_code
_entity_poly.pdbx_strand_id
1 'polypeptide(L)'
;SEAQQKNYTFRCLQMSSFANRSWSRTDSVVWLGDLQTHRWSNDSATISFTKPWSQGKLSNQQWEKLQHMFQVYRVSFTRD
IQELVKMMSPKEDYPIEIQLSAGCEMYPGNASESFLHVAFQGKYVVRFWGTSWQTVPGAPSWLDLPIKVLNADQGTSATV
QMLLNDTCPLFVRGLLEAGKSDLEKQEKPVAWLSSVPSSAHGHRQLVCHVSGFYPKPVWVMWMRGDQEQQGTHRGDFLPN
ADETWYLQATLDVEAGEEAGLACRVKHSSLGGQDIILYWHHHHHH
;
A
2 'polypeptide(L)'
;IQKTPQIQVYSRHPPENGKPNILNCYVTQFHPPHIEIQMLKNGKKIPKVEMSDMSFSKDWSFYILAHTEFTPTETDTYAC
RVKHASMAEPKTVYWDRDM
;
B
#
# COMPACT_ATOMS: atom_id res chain seq x y z
N ASN A 7 1.72 -8.31 17.56
CA ASN A 7 2.93 -7.86 16.82
C ASN A 7 2.57 -6.82 15.76
N TYR A 8 3.34 -5.72 15.73
CA TYR A 8 3.17 -4.67 14.72
C TYR A 8 4.50 -4.41 14.04
N THR A 9 4.44 -4.25 12.72
CA THR A 9 5.59 -3.84 11.91
C THR A 9 5.43 -2.37 11.53
N PHE A 10 6.46 -1.59 11.86
CA PHE A 10 6.51 -0.17 11.60
C PHE A 10 7.41 0.03 10.40
N ARG A 11 6.89 0.64 9.32
CA ARG A 11 7.63 0.76 8.05
C ARG A 11 7.68 2.20 7.57
N CYS A 12 8.87 2.72 7.40
CA CYS A 12 9.09 4.02 6.77
C CYS A 12 9.54 3.75 5.34
N LEU A 13 8.74 4.19 4.37
CA LEU A 13 8.99 3.90 2.98
C LEU A 13 9.34 5.18 2.25
N GLN A 14 10.56 5.23 1.70
CA GLN A 14 11.02 6.35 0.87
C GLN A 14 11.06 5.95 -0.60
N MET A 15 10.55 6.84 -1.44
CA MET A 15 10.55 6.64 -2.89
C MET A 15 11.18 7.86 -3.51
N SER A 16 12.30 7.67 -4.20
CA SER A 16 13.01 8.75 -4.88
C SER A 16 13.13 8.45 -6.38
N SER A 17 12.74 9.43 -7.20
CA SER A 17 12.86 9.35 -8.66
C SER A 17 13.81 10.46 -9.11
N PHE A 18 14.84 10.08 -9.86
CA PHE A 18 15.78 11.01 -10.48
C PHE A 18 15.61 10.86 -11.99
N ALA A 19 15.03 11.87 -12.63
CA ALA A 19 14.75 11.84 -14.06
C ALA A 19 15.96 12.35 -14.87
N ASN A 20 16.60 13.40 -14.38
CA ASN A 20 17.80 13.94 -15.01
C ASN A 20 18.58 14.74 -13.97
N ARG A 21 19.59 15.51 -14.39
CA ARG A 21 20.41 16.29 -13.46
C ARG A 21 19.65 17.42 -12.76
N SER A 22 18.55 17.87 -13.35
CA SER A 22 17.77 19.00 -12.80
C SER A 22 16.37 18.64 -12.26
N TRP A 23 15.99 17.37 -12.32
CA TRP A 23 14.69 16.92 -11.83
C TRP A 23 14.82 15.68 -10.97
N SER A 24 14.41 15.81 -9.71
CA SER A 24 14.20 14.65 -8.85
C SER A 24 13.14 14.99 -7.81
N ARG A 25 12.51 13.96 -7.25
CA ARG A 25 11.68 14.12 -6.07
C ARG A 25 11.85 12.92 -5.15
N THR A 26 11.66 13.19 -3.86
CA THR A 26 11.69 12.17 -2.84
C THR A 26 10.40 12.34 -2.04
N ASP A 27 9.64 11.24 -1.93
CA ASP A 27 8.41 11.19 -1.16
C ASP A 27 8.45 9.99 -0.24
N SER A 28 7.87 10.15 0.95
CA SER A 28 7.82 9.10 1.95
C SER A 28 6.45 8.91 2.55
N VAL A 29 6.17 7.68 2.95
CA VAL A 29 4.98 7.34 3.71
C VAL A 29 5.41 6.43 4.85
N VAL A 30 4.70 6.52 5.97
CA VAL A 30 5.00 5.70 7.12
C VAL A 30 3.76 4.94 7.54
N TRP A 31 3.95 3.67 7.86
CA TRP A 31 2.87 2.74 8.22
C TRP A 31 3.16 2.10 9.56
N LEU A 32 2.14 2.02 10.42
CA LEU A 32 2.14 1.14 11.58
C LEU A 32 1.11 0.05 11.33
N GLY A 33 1.61 -1.16 11.09
CA GLY A 33 0.77 -2.24 10.56
C GLY A 33 0.18 -1.74 9.27
N ASP A 34 -1.14 -1.74 9.17
CA ASP A 34 -1.83 -1.33 7.95
C ASP A 34 -2.40 0.09 8.00
N LEU A 35 -2.10 0.86 9.07
CA LEU A 35 -2.58 2.24 9.18
C LEU A 35 -1.46 3.22 8.88
N GLN A 36 -1.71 4.15 7.96
CA GLN A 36 -0.73 5.18 7.60
C GLN A 36 -0.66 6.19 8.74
N THR A 37 0.57 6.43 9.24
CA THR A 37 0.79 7.39 10.33
C THR A 37 1.42 8.71 9.86
N HIS A 38 2.20 8.68 8.78
CA HIS A 38 2.83 9.89 8.26
C HIS A 38 2.88 9.90 6.76
N ARG A 39 3.04 11.12 6.23
CA ARG A 39 3.32 11.37 4.85
C ARG A 39 4.38 12.45 4.85
N TRP A 40 5.35 12.36 3.94
CA TRP A 40 6.27 13.46 3.71
C TRP A 40 6.49 13.69 2.22
N SER A 41 5.68 14.59 1.67
CA SER A 41 5.73 14.95 0.27
C SER A 41 7.00 15.72 -0.02
N ASN A 42 7.54 15.54 -1.22
CA ASN A 42 8.66 16.37 -1.71
C ASN A 42 8.32 17.87 -1.61
N ASP A 43 7.05 18.20 -1.82
CA ASP A 43 6.49 19.56 -1.74
C ASP A 43 6.62 20.22 -0.36
N SER A 44 6.62 19.42 0.71
CA SER A 44 6.56 19.94 2.09
C SER A 44 7.93 19.96 2.77
N ALA A 45 8.18 21.01 3.54
CA ALA A 45 9.42 21.14 4.30
C ALA A 45 9.40 20.23 5.53
N THR A 46 8.19 19.93 6.03
CA THR A 46 8.00 19.15 7.24
C THR A 46 7.21 17.86 6.97
N ILE A 47 7.42 16.90 7.87
CA ILE A 47 6.68 15.62 7.87
C ILE A 47 5.26 15.88 8.38
N SER A 48 4.27 15.28 7.70
CA SER A 48 2.86 15.45 8.05
C SER A 48 2.34 14.26 8.82
N PHE A 49 1.58 14.54 9.89
CA PHE A 49 0.87 13.52 10.62
C PHE A 49 -0.43 13.18 9.87
N THR A 50 -0.70 11.88 9.69
CA THR A 50 -1.97 11.43 9.14
C THR A 50 -2.83 10.75 10.21
N LYS A 51 -2.40 10.78 11.47
CA LYS A 51 -3.25 10.44 12.62
C LYS A 51 -3.10 11.53 13.69
N PRO A 52 -4.11 11.68 14.58
CA PRO A 52 -3.94 12.58 15.73
C PRO A 52 -2.74 12.22 16.64
N TRP A 53 -2.36 10.95 16.62
CA TRP A 53 -1.40 10.37 17.54
C TRP A 53 -0.05 10.05 16.85
N SER A 54 0.22 10.66 15.71
CA SER A 54 1.42 10.31 14.91
C SER A 54 2.75 10.83 15.49
N GLN A 55 2.69 11.70 16.51
CA GLN A 55 3.89 12.07 17.26
C GLN A 55 4.24 11.05 18.35
N GLY A 56 3.35 10.09 18.62
CA GLY A 56 3.60 9.08 19.62
C GLY A 56 3.70 9.72 20.99
N LYS A 57 4.67 9.27 21.79
CA LYS A 57 4.94 9.84 23.10
C LYS A 57 6.18 10.73 23.10
N LEU A 58 6.66 11.14 21.92
CA LEU A 58 7.80 12.06 21.84
C LEU A 58 7.32 13.46 22.16
N SER A 59 8.15 14.20 22.87
CA SER A 59 7.87 15.61 23.13
C SER A 59 8.09 16.40 21.86
N ASN A 60 7.57 17.62 21.81
CA ASN A 60 7.79 18.51 20.68
C ASN A 60 9.28 18.67 20.36
N GLN A 61 10.11 18.74 21.41
CA GLN A 61 11.57 18.84 21.26
C GLN A 61 12.16 17.60 20.60
N GLN A 62 11.85 16.43 21.13
CA GLN A 62 12.32 15.16 20.57
C GLN A 62 11.88 14.99 19.10
N TRP A 63 10.62 15.30 18.81
CA TRP A 63 10.09 15.21 17.45
C TRP A 63 10.79 16.17 16.50
N GLU A 64 10.96 17.42 16.92
CA GLU A 64 11.64 18.42 16.08
C GLU A 64 13.11 18.08 15.80
N LYS A 65 13.80 17.48 16.79
CA LYS A 65 15.17 17.01 16.61
C LYS A 65 15.21 15.93 15.54
N LEU A 66 14.31 14.97 15.68
CA LEU A 66 14.19 13.86 14.74
C LEU A 66 13.86 14.38 13.34
N GLN A 67 12.92 15.31 13.25
CA GLN A 67 12.55 15.90 11.96
C GLN A 67 13.71 16.62 11.28
N HIS A 68 14.45 17.41 12.06
CA HIS A 68 15.57 18.16 11.51
C HIS A 68 16.61 17.24 10.89
N MET A 69 16.90 16.14 11.57
CA MET A 69 17.81 15.12 11.08
C MET A 69 17.33 14.61 9.71
N PHE A 70 16.03 14.31 9.60
CA PHE A 70 15.45 13.87 8.32
C PHE A 70 15.50 14.95 7.25
N GLN A 71 15.26 16.21 7.63
CA GLN A 71 15.34 17.33 6.68
C GLN A 71 16.75 17.48 6.08
N VAL A 72 17.77 17.35 6.92
CA VAL A 72 19.17 17.34 6.45
C VAL A 72 19.43 16.14 5.53
N TYR A 73 18.97 14.96 5.96
CA TYR A 73 19.16 13.73 5.19
C TYR A 73 18.55 13.81 3.79
N ARG A 74 17.33 14.32 3.68
CA ARG A 74 16.66 14.36 2.39
C ARG A 74 17.45 15.19 1.38
N VAL A 75 17.96 16.34 1.83
CA VAL A 75 18.82 17.17 0.97
C VAL A 75 20.13 16.48 0.64
N SER A 76 20.79 15.90 1.66
CA SER A 76 22.10 15.26 1.49
C SER A 76 22.01 14.06 0.57
N PHE A 77 20.96 13.25 0.78
CA PHE A 77 20.70 12.07 -0.05
C PHE A 77 20.55 12.43 -1.52
N THR A 78 19.72 13.43 -1.81
CA THR A 78 19.48 13.88 -3.16
C THR A 78 20.78 14.33 -3.84
N ARG A 79 21.56 15.15 -3.12
CA ARG A 79 22.87 15.60 -3.61
C ARG A 79 23.81 14.41 -3.86
N ASP A 80 23.89 13.49 -2.90
CA ASP A 80 24.78 12.33 -3.01
C ASP A 80 24.48 11.48 -4.25
N ILE A 81 23.21 11.21 -4.50
CA ILE A 81 22.82 10.38 -5.64
C ILE A 81 23.13 11.11 -6.95
N GLN A 82 22.82 12.41 -7.03
CA GLN A 82 23.13 13.21 -8.20
C GLN A 82 24.64 13.23 -8.51
N GLU A 83 25.47 13.32 -7.47
CA GLU A 83 26.93 13.30 -7.63
C GLU A 83 27.44 11.95 -8.09
N LEU A 84 26.87 10.88 -7.56
CA LEU A 84 27.25 9.52 -7.99
C LEU A 84 26.96 9.28 -9.47
N VAL A 85 25.81 9.75 -9.94
CA VAL A 85 25.39 9.56 -11.34
C VAL A 85 26.27 10.38 -12.31
N LYS A 86 26.64 11.60 -11.90
CA LYS A 86 27.61 12.42 -12.66
C LYS A 86 28.99 11.73 -12.72
N MET A 87 29.46 11.27 -11.56
CA MET A 87 30.72 10.53 -11.43
C MET A 87 30.78 9.26 -12.30
N MET A 88 29.65 8.56 -12.42
CA MET A 88 29.58 7.28 -13.14
C MET A 88 29.12 7.34 -14.60
N SER A 89 28.59 8.49 -15.05
CA SER A 89 28.12 8.64 -16.43
C SER A 89 29.29 8.45 -17.42
N PRO A 90 29.10 7.72 -18.53
CA PRO A 90 27.82 7.14 -18.98
C PRO A 90 27.52 5.69 -18.57
N LYS A 91 28.26 5.12 -17.61
CA LYS A 91 28.11 3.70 -17.23
C LYS A 91 26.72 3.38 -16.66
N GLU A 92 26.31 4.18 -15.68
CA GLU A 92 24.94 4.15 -15.14
C GLU A 92 24.33 5.53 -15.32
N ASP A 93 23.08 5.57 -15.80
CA ASP A 93 22.44 6.84 -16.17
C ASP A 93 20.92 6.85 -15.93
N TYR A 94 20.33 8.03 -16.14
CA TYR A 94 18.92 8.28 -15.85
C TYR A 94 18.00 7.49 -16.80
N PRO A 95 16.73 7.25 -16.43
CA PRO A 95 16.14 7.61 -15.12
C PRO A 95 16.54 6.61 -14.02
N ILE A 96 16.48 7.05 -12.76
CA ILE A 96 16.85 6.20 -11.62
C ILE A 96 15.77 6.24 -10.55
N GLU A 97 15.36 5.04 -10.09
CA GLU A 97 14.42 4.89 -8.98
C GLU A 97 15.17 4.28 -7.82
N ILE A 98 15.10 4.92 -6.65
CA ILE A 98 15.67 4.34 -5.44
C ILE A 98 14.58 4.29 -4.38
N GLN A 99 14.47 3.14 -3.71
CA GLN A 99 13.50 2.93 -2.63
C GLN A 99 14.22 2.49 -1.36
N LEU A 100 13.76 3.00 -0.21
CA LEU A 100 14.24 2.56 1.08
C LEU A 100 13.07 2.11 1.91
N SER A 101 13.25 0.99 2.59
CA SER A 101 12.27 0.48 3.52
C SER A 101 12.99 0.28 4.84
N ALA A 102 12.59 1.04 5.85
CA ALA A 102 13.26 1.02 7.15
C ALA A 102 12.25 1.00 8.26
N GLY A 103 12.59 0.30 9.34
CA GLY A 103 11.73 0.33 10.51
C GLY A 103 12.04 -0.77 11.48
N CYS A 104 10.99 -1.21 12.17
CA CYS A 104 11.13 -2.28 13.12
C CYS A 104 9.84 -3.08 13.30
N GLU A 105 10.01 -4.31 13.79
CA GLU A 105 8.92 -5.23 14.06
C GLU A 105 8.97 -5.53 15.55
N MET A 106 7.83 -5.35 16.22
CA MET A 106 7.77 -5.43 17.69
C MET A 106 7.24 -6.80 18.13
N TYR A 107 7.90 -7.40 19.12
CA TYR A 107 7.52 -8.71 19.66
C TYR A 107 7.23 -8.56 21.17
N PRO A 108 6.66 -9.61 21.82
CA PRO A 108 6.36 -9.51 23.26
C PRO A 108 7.61 -9.43 24.15
N ALA A 111 10.59 -6.95 23.18
CA ALA A 111 11.60 -7.29 22.17
C ALA A 111 11.29 -6.71 20.79
N SER A 112 12.33 -6.51 19.98
CA SER A 112 12.20 -5.88 18.66
C SER A 112 13.41 -6.16 17.77
N GLU A 113 13.18 -6.09 16.45
CA GLU A 113 14.24 -6.20 15.44
C GLU A 113 14.03 -5.11 14.39
N SER A 114 15.11 -4.44 14.01
CA SER A 114 15.06 -3.35 13.03
C SER A 114 15.66 -3.75 11.68
N PHE A 115 15.28 -3.00 10.64
CA PHE A 115 15.75 -3.27 9.28
C PHE A 115 15.89 -1.97 8.50
N LEU A 116 16.77 -2.00 7.50
CA LEU A 116 16.92 -0.91 6.56
C LEU A 116 17.40 -1.52 5.26
N HIS A 117 16.49 -1.62 4.30
CA HIS A 117 16.77 -2.22 3.00
C HIS A 117 16.63 -1.16 1.92
N VAL A 118 17.45 -1.26 0.88
CA VAL A 118 17.48 -0.30 -0.21
C VAL A 118 17.38 -1.02 -1.55
N ALA A 119 16.47 -0.54 -2.40
CA ALA A 119 16.31 -1.04 -3.76
C ALA A 119 16.72 -0.01 -4.81
N PHE A 120 17.31 -0.52 -5.90
CA PHE A 120 17.76 0.30 -7.02
C PHE A 120 17.09 -0.24 -8.28
N GLN A 121 16.36 0.62 -8.99
CA GLN A 121 15.55 0.20 -10.14
C GLN A 121 14.62 -0.98 -9.83
N GLY A 122 14.03 -0.98 -8.63
CA GLY A 122 13.09 -2.00 -8.21
C GLY A 122 13.67 -3.29 -7.68
N LYS A 123 14.99 -3.35 -7.54
CA LYS A 123 15.67 -4.55 -7.06
C LYS A 123 16.50 -4.25 -5.79
N TYR A 124 16.31 -5.09 -4.77
CA TYR A 124 17.04 -5.03 -3.48
C TYR A 124 18.54 -5.19 -3.72
N VAL A 125 19.31 -4.17 -3.31
CA VAL A 125 20.77 -4.17 -3.51
C VAL A 125 21.61 -3.95 -2.24
N VAL A 126 21.07 -3.25 -1.25
CA VAL A 126 21.86 -2.79 -0.11
C VAL A 126 21.03 -2.86 1.15
N ARG A 127 21.67 -3.22 2.26
CA ARG A 127 21.07 -3.08 3.57
C ARG A 127 22.03 -2.46 4.54
N PHE A 128 21.48 -1.92 5.64
CA PHE A 128 22.29 -1.62 6.81
C PHE A 128 22.19 -2.79 7.78
N TRP A 129 23.33 -3.28 8.27
CA TRP A 129 23.35 -4.44 9.16
C TRP A 129 24.43 -4.31 10.23
N GLY A 130 24.02 -4.26 11.48
CA GLY A 130 24.97 -4.12 12.60
C GLY A 130 25.51 -2.71 12.70
N THR A 131 26.65 -2.49 12.07
CA THR A 131 27.35 -1.20 12.13
C THR A 131 27.76 -0.67 10.76
N SER A 132 27.32 -1.31 9.68
CA SER A 132 27.74 -0.87 8.37
C SER A 132 26.73 -1.20 7.27
N TRP A 133 26.89 -0.48 6.17
CA TRP A 133 26.18 -0.73 4.93
C TRP A 133 26.82 -1.93 4.25
N GLN A 134 26.00 -2.76 3.60
CA GLN A 134 26.55 -3.84 2.78
C GLN A 134 25.74 -4.06 1.53
N THR A 135 26.42 -4.45 0.45
CA THR A 135 25.75 -4.88 -0.76
C THR A 135 25.31 -6.32 -0.52
N VAL A 136 24.16 -6.70 -1.05
CA VAL A 136 23.69 -8.07 -0.93
C VAL A 136 24.31 -8.94 -2.04
N PRO A 137 24.39 -10.26 -1.84
CA PRO A 137 24.95 -11.10 -2.90
C PRO A 137 24.18 -10.94 -4.21
N GLY A 138 24.91 -10.84 -5.31
CA GLY A 138 24.34 -10.58 -6.62
C GLY A 138 24.12 -9.11 -6.97
N ALA A 139 24.32 -8.19 -6.02
CA ALA A 139 24.22 -6.76 -6.33
C ALA A 139 25.27 -6.35 -7.36
N PRO A 140 24.97 -5.38 -8.24
CA PRO A 140 25.97 -4.95 -9.22
C PRO A 140 27.27 -4.52 -8.54
N SER A 141 28.40 -4.97 -9.06
CA SER A 141 29.71 -4.75 -8.43
C SER A 141 30.11 -3.27 -8.40
N TRP A 142 29.57 -2.46 -9.31
CA TRP A 142 29.82 -1.02 -9.28
C TRP A 142 29.35 -0.31 -8.00
N LEU A 143 28.45 -0.94 -7.24
CA LEU A 143 28.03 -0.40 -5.93
C LEU A 143 29.05 -0.55 -4.80
N ASP A 144 30.04 -1.43 -4.96
CA ASP A 144 30.98 -1.73 -3.87
C ASP A 144 31.76 -0.49 -3.44
N LEU A 145 32.31 0.24 -4.42
CA LEU A 145 33.11 1.45 -4.12
C LEU A 145 32.30 2.56 -3.44
N PRO A 146 31.11 2.92 -3.98
CA PRO A 146 30.30 3.93 -3.25
C PRO A 146 29.85 3.50 -1.86
N ILE A 147 29.60 2.21 -1.66
CA ILE A 147 29.31 1.68 -0.31
C ILE A 147 30.54 1.79 0.63
N LYS A 148 31.73 1.55 0.10
CA LYS A 148 32.97 1.75 0.87
C LYS A 148 33.07 3.22 1.32
N VAL A 149 32.80 4.12 0.39
CA VAL A 149 32.86 5.56 0.66
C VAL A 149 31.83 5.94 1.72
N LEU A 150 30.62 5.41 1.60
CA LEU A 150 29.57 5.65 2.59
C LEU A 150 29.93 5.08 3.95
N ASN A 151 30.57 3.90 3.97
CA ASN A 151 31.00 3.28 5.24
C ASN A 151 32.13 4.05 5.95
N ALA A 152 32.89 4.85 5.20
CA ALA A 152 33.91 5.73 5.81
C ALA A 152 33.28 6.86 6.66
N ASP A 153 32.04 7.22 6.36
CA ASP A 153 31.32 8.25 7.10
C ASP A 153 30.79 7.66 8.41
N GLN A 154 31.61 7.71 9.45
CA GLN A 154 31.24 7.16 10.78
C GLN A 154 30.12 7.91 11.51
N GLY A 155 30.00 9.21 11.27
CA GLY A 155 28.91 10.01 11.82
C GLY A 155 27.55 9.50 11.36
N THR A 156 27.43 9.21 10.06
CA THR A 156 26.18 8.68 9.49
C THR A 156 25.94 7.25 10.03
N SER A 157 26.98 6.42 10.07
CA SER A 157 26.87 5.06 10.62
C SER A 157 26.33 5.06 12.06
N ALA A 158 26.85 5.95 12.90
CA ALA A 158 26.39 6.03 14.29
C ALA A 158 24.96 6.51 14.39
N THR A 159 24.58 7.47 13.55
CA THR A 159 23.21 7.96 13.54
C THR A 159 22.23 6.85 13.15
N VAL A 160 22.53 6.13 12.08
CA VAL A 160 21.68 5.02 11.62
C VAL A 160 21.57 3.95 12.70
N GLN A 161 22.70 3.61 13.34
CA GLN A 161 22.66 2.68 14.46
C GLN A 161 21.72 3.13 15.60
N MET A 162 21.77 4.41 15.96
CA MET A 162 20.89 4.94 16.99
C MET A 162 19.43 4.84 16.54
N LEU A 163 19.16 5.23 15.29
CA LEU A 163 17.79 5.21 14.75
C LEU A 163 17.19 3.80 14.76
N LEU A 164 17.97 2.83 14.31
CA LEU A 164 17.51 1.44 14.23
C LEU A 164 17.45 0.78 15.59
N ASN A 165 18.51 0.92 16.40
CA ASN A 165 18.59 0.21 17.69
C ASN A 165 17.74 0.83 18.79
N ASP A 166 17.72 2.16 18.87
CA ASP A 166 17.10 2.90 19.96
C ASP A 166 15.78 3.55 19.54
N THR A 167 15.85 4.47 18.59
CA THR A 167 14.73 5.34 18.27
C THR A 167 13.50 4.59 17.75
N CYS A 168 13.69 3.66 16.82
CA CYS A 168 12.56 2.93 16.23
C CYS A 168 11.68 2.24 17.28
N PRO A 169 12.25 1.32 18.09
CA PRO A 169 11.38 0.65 19.05
C PRO A 169 10.79 1.61 20.09
N LEU A 170 11.57 2.60 20.54
CA LEU A 170 11.09 3.65 21.42
C LEU A 170 9.86 4.35 20.84
N PHE A 171 10.01 4.86 19.62
CA PHE A 171 8.96 5.61 18.95
C PHE A 171 7.71 4.74 18.81
N VAL A 172 7.91 3.48 18.40
CA VAL A 172 6.78 2.59 18.14
C VAL A 172 6.02 2.26 19.42
N ARG A 173 6.73 2.01 20.52
CA ARG A 173 6.08 1.83 21.83
C ARG A 173 5.12 2.98 22.15
N GLY A 174 5.55 4.22 21.90
CA GLY A 174 4.70 5.39 22.12
C GLY A 174 3.52 5.51 21.15
N LEU A 175 3.73 5.12 19.88
CA LEU A 175 2.64 5.09 18.90
C LEU A 175 1.52 4.13 19.32
N LEU A 176 1.91 2.93 19.75
CA LEU A 176 0.97 1.90 20.18
C LEU A 176 0.10 2.36 21.35
N GLU A 177 0.71 3.06 22.30
CA GLU A 177 -0.06 3.65 23.40
C GLU A 177 -0.96 4.79 22.93
N ALA A 178 -0.38 5.74 22.20
CA ALA A 178 -1.09 6.95 21.79
C ALA A 178 -2.21 6.68 20.78
N GLY A 179 -2.06 5.62 19.98
CA GLY A 179 -3.03 5.27 18.94
C GLY A 179 -3.96 4.12 19.26
N LYS A 180 -4.10 3.80 20.55
CA LYS A 180 -4.73 2.57 21.01
C LYS A 180 -6.17 2.41 20.51
N SER A 181 -6.96 3.47 20.60
CA SER A 181 -8.36 3.41 20.16
C SER A 181 -8.49 3.12 18.65
N ASP A 182 -7.55 3.61 17.84
CA ASP A 182 -7.53 3.32 16.40
C ASP A 182 -6.98 1.96 16.05
N LEU A 183 -5.87 1.57 16.69
CA LEU A 183 -5.25 0.29 16.39
C LEU A 183 -6.18 -0.87 16.78
N GLU A 184 -6.95 -0.67 17.85
CA GLU A 184 -7.91 -1.67 18.32
C GLU A 184 -9.36 -1.40 17.87
N LYS A 185 -9.57 -0.52 16.89
CA LYS A 185 -10.93 -0.23 16.40
C LYS A 185 -11.53 -1.48 15.78
N GLN A 186 -12.86 -1.59 15.85
CA GLN A 186 -13.61 -2.67 15.20
C GLN A 186 -14.66 -2.06 14.27
N GLU A 187 -14.61 -2.43 12.98
CA GLU A 187 -15.59 -2.00 12.02
C GLU A 187 -16.20 -3.25 11.38
N LYS A 188 -17.52 -3.26 11.27
CA LYS A 188 -18.24 -4.46 10.82
C LYS A 188 -18.23 -4.61 9.30
N PRO A 189 -18.02 -5.85 8.83
CA PRO A 189 -18.23 -6.13 7.40
C PRO A 189 -19.72 -6.01 7.05
N VAL A 190 -19.99 -5.54 5.85
CA VAL A 190 -21.29 -5.63 5.19
C VAL A 190 -21.06 -6.49 3.95
N ALA A 191 -21.89 -7.51 3.76
CA ALA A 191 -21.72 -8.42 2.64
C ALA A 191 -22.88 -8.33 1.66
N TRP A 192 -22.59 -8.73 0.43
CA TRP A 192 -23.61 -8.88 -0.60
C TRP A 192 -23.19 -9.85 -1.67
N LEU A 193 -24.19 -10.46 -2.31
CA LEU A 193 -24.01 -11.48 -3.31
C LEU A 193 -24.37 -10.98 -4.70
N SER A 194 -23.62 -11.43 -5.70
CA SER A 194 -23.95 -11.17 -7.09
C SER A 194 -23.46 -12.33 -7.93
N SER A 195 -23.71 -12.29 -9.24
CA SER A 195 -23.09 -13.30 -10.12
C SER A 195 -22.87 -12.86 -11.56
N VAL A 196 -21.78 -13.37 -12.14
CA VAL A 196 -21.38 -13.14 -13.54
C VAL A 196 -21.37 -14.48 -14.31
N PRO A 197 -21.49 -14.44 -15.67
CA PRO A 197 -21.75 -15.66 -16.44
C PRO A 197 -20.62 -16.69 -16.42
N GLY A 202 -22.67 -23.90 -19.34
CA GLY A 202 -23.79 -23.80 -18.41
C GLY A 202 -23.35 -23.56 -16.98
N HIS A 203 -22.34 -22.73 -16.81
CA HIS A 203 -21.73 -22.42 -15.52
C HIS A 203 -21.83 -20.93 -15.27
N ARG A 204 -21.76 -20.56 -13.99
CA ARG A 204 -21.62 -19.15 -13.64
C ARG A 204 -20.78 -19.00 -12.38
N GLN A 205 -20.33 -17.79 -12.15
CA GLN A 205 -19.50 -17.46 -10.98
C GLN A 205 -20.32 -16.63 -9.99
N LEU A 206 -20.53 -17.17 -8.79
CA LEU A 206 -21.21 -16.46 -7.72
C LEU A 206 -20.15 -15.66 -6.97
N VAL A 207 -20.49 -14.44 -6.56
CA VAL A 207 -19.52 -13.58 -5.90
C VAL A 207 -20.06 -13.10 -4.56
N CYS A 208 -19.31 -13.35 -3.50
CA CYS A 208 -19.63 -12.88 -2.16
C CYS A 208 -18.69 -11.72 -1.85
N HIS A 209 -19.25 -10.52 -1.74
CA HIS A 209 -18.47 -9.29 -1.51
C HIS A 209 -18.57 -8.94 -0.05
N VAL A 210 -17.44 -8.57 0.56
CA VAL A 210 -17.39 -8.22 1.97
C VAL A 210 -16.61 -6.94 2.11
N SER A 211 -17.24 -5.91 2.67
CA SER A 211 -16.63 -4.56 2.66
C SER A 211 -16.85 -3.80 3.95
N GLY A 212 -15.85 -3.01 4.32
CA GLY A 212 -15.96 -2.10 5.44
C GLY A 212 -15.46 -2.63 6.78
N PHE A 213 -14.75 -3.76 6.75
CA PHE A 213 -14.34 -4.41 7.99
C PHE A 213 -12.94 -3.96 8.43
N TYR A 214 -12.75 -3.94 9.75
CA TYR A 214 -11.46 -3.66 10.36
C TYR A 214 -11.49 -4.31 11.75
N PRO A 215 -10.44 -5.00 12.19
CA PRO A 215 -9.17 -5.18 11.48
C PRO A 215 -9.20 -6.23 10.37
N LYS A 216 -8.06 -6.44 9.75
CA LYS A 216 -7.96 -7.18 8.52
C LYS A 216 -8.38 -8.65 8.58
N PRO A 217 -8.06 -9.37 9.68
CA PRO A 217 -8.41 -10.79 9.69
C PRO A 217 -9.91 -11.06 9.53
N VAL A 218 -10.25 -11.94 8.59
CA VAL A 218 -11.66 -12.25 8.27
C VAL A 218 -11.74 -13.68 7.71
N TRP A 219 -12.93 -14.26 7.76
CA TRP A 219 -13.19 -15.58 7.21
C TRP A 219 -14.42 -15.46 6.34
N VAL A 220 -14.30 -15.91 5.10
CA VAL A 220 -15.43 -15.86 4.15
C VAL A 220 -15.48 -17.18 3.41
N MET A 221 -16.63 -17.86 3.41
CA MET A 221 -16.77 -19.15 2.73
C MET A 221 -18.13 -19.35 2.12
N TRP A 222 -18.16 -19.98 0.94
CA TRP A 222 -19.43 -20.49 0.40
C TRP A 222 -19.73 -21.79 1.11
N MET A 223 -20.99 -21.99 1.45
CA MET A 223 -21.45 -23.10 2.26
C MET A 223 -22.68 -23.74 1.59
N ARG A 224 -22.84 -25.05 1.81
CA ARG A 224 -24.12 -25.75 1.64
C ARG A 224 -24.44 -26.35 2.99
N GLY A 225 -25.38 -25.73 3.72
CA GLY A 225 -25.57 -26.05 5.12
C GLY A 225 -24.28 -25.81 5.89
N ASP A 226 -23.82 -26.81 6.66
CA ASP A 226 -22.56 -26.69 7.39
C ASP A 226 -21.34 -27.24 6.61
N GLN A 227 -21.52 -27.57 5.34
CA GLN A 227 -20.42 -28.04 4.49
C GLN A 227 -19.76 -26.88 3.75
N GLU A 228 -18.50 -26.63 4.06
CA GLU A 228 -17.68 -25.66 3.32
C GLU A 228 -17.53 -26.09 1.86
N GLN A 229 -17.74 -25.16 0.94
CA GLN A 229 -17.54 -25.41 -0.47
C GLN A 229 -16.09 -25.10 -0.83
N GLN A 230 -15.33 -26.16 -1.08
CA GLN A 230 -13.87 -25.99 -1.29
C GLN A 230 -13.53 -25.32 -2.61
N GLY A 231 -14.51 -25.14 -3.51
CA GLY A 231 -14.38 -24.28 -4.67
C GLY A 231 -14.27 -22.77 -4.37
N THR A 232 -14.53 -22.38 -3.12
CA THR A 232 -14.48 -20.98 -2.70
C THR A 232 -13.10 -20.41 -3.02
N HIS A 233 -13.08 -19.32 -3.78
CA HIS A 233 -11.82 -18.72 -4.22
C HIS A 233 -11.72 -17.31 -3.67
N ARG A 234 -10.93 -17.13 -2.64
CA ARG A 234 -10.80 -15.85 -1.96
C ARG A 234 -9.88 -14.95 -2.77
N GLY A 235 -10.29 -13.71 -2.97
CA GLY A 235 -9.48 -12.72 -3.65
C GLY A 235 -8.46 -12.13 -2.69
N ASP A 236 -7.78 -11.09 -3.14
CA ASP A 236 -6.86 -10.35 -2.28
C ASP A 236 -7.59 -9.35 -1.38
N PHE A 237 -6.96 -8.96 -0.29
CA PHE A 237 -7.45 -7.84 0.52
C PHE A 237 -7.21 -6.52 -0.23
N LEU A 238 -8.28 -5.76 -0.45
CA LEU A 238 -8.25 -4.50 -1.19
C LEU A 238 -8.67 -3.38 -0.26
N PRO A 239 -7.96 -2.24 -0.30
CA PRO A 239 -8.28 -1.20 0.64
C PRO A 239 -9.48 -0.37 0.24
N ASN A 240 -10.28 0.05 1.23
CA ASN A 240 -11.22 1.12 1.02
C ASN A 240 -10.50 2.41 1.43
N ALA A 241 -11.08 3.55 1.05
CA ALA A 241 -10.45 4.85 1.30
C ALA A 241 -10.61 5.32 2.76
N ASP A 242 -11.48 4.65 3.53
CA ASP A 242 -11.78 5.04 4.91
C ASP A 242 -11.13 4.12 5.94
N GLU A 243 -9.98 3.54 5.55
CA GLU A 243 -9.19 2.67 6.42
C GLU A 243 -10.00 1.46 6.93
N THR A 244 -10.76 0.89 6.01
CA THR A 244 -11.38 -0.42 6.19
C THR A 244 -10.98 -1.25 5.00
N TRP A 245 -11.36 -2.53 5.02
CA TRP A 245 -10.95 -3.49 4.02
C TRP A 245 -12.13 -4.05 3.22
N TYR A 246 -11.78 -4.54 2.03
CA TYR A 246 -12.70 -5.16 1.09
C TYR A 246 -12.09 -6.50 0.70
N LEU A 247 -12.94 -7.52 0.58
CA LEU A 247 -12.51 -8.83 0.11
C LEU A 247 -13.70 -9.47 -0.55
N GLN A 248 -13.45 -10.20 -1.64
CA GLN A 248 -14.52 -11.01 -2.22
C GLN A 248 -14.07 -12.45 -2.42
N ALA A 249 -15.04 -13.36 -2.42
CA ALA A 249 -14.78 -14.79 -2.60
C ALA A 249 -15.78 -15.32 -3.64
N THR A 250 -15.26 -16.00 -4.65
CA THR A 250 -16.08 -16.46 -5.75
C THR A 250 -16.28 -17.99 -5.71
N LEU A 251 -17.30 -18.46 -6.40
CA LEU A 251 -17.57 -19.90 -6.50
C LEU A 251 -18.12 -20.19 -7.86
N ASP A 252 -17.45 -21.09 -8.59
CA ASP A 252 -17.98 -21.53 -9.87
C ASP A 252 -18.99 -22.64 -9.62
N VAL A 253 -20.19 -22.49 -10.17
CA VAL A 253 -21.30 -23.42 -9.92
C VAL A 253 -21.95 -23.81 -11.24
N GLU A 254 -22.38 -25.07 -11.31
CA GLU A 254 -23.14 -25.55 -12.46
C GLU A 254 -24.56 -25.05 -12.30
N ALA A 255 -25.14 -24.53 -13.38
CA ALA A 255 -26.50 -24.01 -13.36
C ALA A 255 -27.44 -25.15 -12.96
N GLY A 256 -28.33 -24.88 -12.01
CA GLY A 256 -29.13 -25.91 -11.36
C GLY A 256 -28.68 -26.17 -9.93
N GLU A 257 -27.36 -26.21 -9.71
CA GLU A 257 -26.80 -26.47 -8.38
C GLU A 257 -26.68 -25.23 -7.47
N GLU A 258 -27.13 -24.06 -7.96
CA GLU A 258 -27.09 -22.80 -7.20
C GLU A 258 -27.95 -22.82 -5.94
N ALA A 259 -29.08 -23.52 -6.00
CA ALA A 259 -30.00 -23.62 -4.86
C ALA A 259 -29.31 -24.22 -3.65
N GLY A 260 -29.56 -23.63 -2.48
CA GLY A 260 -28.99 -24.11 -1.23
C GLY A 260 -27.65 -23.51 -0.84
N LEU A 261 -27.06 -22.66 -1.68
CA LEU A 261 -25.76 -22.07 -1.40
C LEU A 261 -25.91 -20.81 -0.56
N ALA A 262 -24.95 -20.60 0.32
CA ALA A 262 -24.90 -19.43 1.18
C ALA A 262 -23.46 -18.97 1.31
N CYS A 263 -23.27 -17.67 1.56
CA CYS A 263 -21.97 -17.14 1.94
C CYS A 263 -21.96 -16.84 3.42
N ARG A 264 -20.95 -17.34 4.14
CA ARG A 264 -20.83 -17.10 5.55
C ARG A 264 -19.59 -16.28 5.83
N VAL A 265 -19.75 -15.25 6.66
CA VAL A 265 -18.66 -14.35 7.03
C VAL A 265 -18.49 -14.33 8.53
N LYS A 266 -17.27 -14.60 8.98
CA LYS A 266 -16.89 -14.46 10.39
C LYS A 266 -15.93 -13.28 10.52
N HIS A 267 -16.12 -12.47 11.55
CA HIS A 267 -15.22 -11.35 11.81
C HIS A 267 -15.29 -10.97 13.28
N SER A 268 -14.15 -10.55 13.82
CA SER A 268 -14.03 -10.12 15.23
C SER A 268 -15.07 -9.09 15.71
N SER A 269 -15.55 -8.23 14.81
CA SER A 269 -16.49 -7.16 15.14
C SER A 269 -17.93 -7.62 15.32
N LEU A 270 -18.26 -8.84 14.91
CA LEU A 270 -19.64 -9.29 14.86
C LEU A 270 -20.17 -9.92 16.16
N GLY A 271 -19.30 -10.07 17.16
CA GLY A 271 -19.69 -10.60 18.47
C GLY A 271 -20.19 -12.03 18.46
N GLY A 272 -19.54 -12.90 17.68
CA GLY A 272 -19.93 -14.31 17.55
C GLY A 272 -21.14 -14.62 16.67
N GLN A 273 -21.74 -13.61 16.05
CA GLN A 273 -22.89 -13.80 15.18
C GLN A 273 -22.45 -13.61 13.72
N ASP A 274 -22.12 -14.70 13.05
CA ASP A 274 -21.68 -14.65 11.65
C ASP A 274 -22.75 -14.06 10.74
N ILE A 275 -22.32 -13.39 9.67
CA ILE A 275 -23.21 -13.01 8.59
C ILE A 275 -23.44 -14.25 7.71
N ILE A 276 -24.70 -14.55 7.39
CA ILE A 276 -24.98 -15.59 6.40
C ILE A 276 -25.99 -15.06 5.39
N LEU A 277 -25.57 -15.04 4.14
CA LEU A 277 -26.44 -14.63 3.05
C LEU A 277 -26.73 -15.85 2.20
N TYR A 278 -28.00 -15.97 1.80
CA TYR A 278 -28.48 -17.06 0.96
C TYR A 278 -28.71 -16.68 -0.51
N TRP A 279 -28.12 -17.47 -1.42
CA TRP A 279 -28.27 -17.21 -2.84
C TRP A 279 -29.69 -17.56 -3.26
N GLN B 2 10.66 -2.88 -15.79
CA GLN B 2 9.26 -2.35 -15.86
C GLN B 2 8.25 -3.44 -15.48
N LYS B 3 7.32 -3.12 -14.59
CA LYS B 3 6.25 -4.03 -14.19
C LYS B 3 4.91 -3.38 -14.53
N THR B 4 4.01 -4.21 -15.07
CA THR B 4 2.72 -3.77 -15.62
C THR B 4 1.67 -3.63 -14.52
N PRO B 5 0.90 -2.51 -14.50
CA PRO B 5 -0.09 -2.36 -13.43
C PRO B 5 -1.26 -3.33 -13.55
N GLN B 6 -1.70 -3.85 -12.39
CA GLN B 6 -2.96 -4.57 -12.27
C GLN B 6 -3.97 -3.60 -11.72
N ILE B 7 -5.22 -3.74 -12.15
CA ILE B 7 -6.28 -2.79 -11.82
C ILE B 7 -7.49 -3.55 -11.29
N GLN B 8 -8.02 -3.15 -10.14
CA GLN B 8 -9.25 -3.76 -9.62
C GLN B 8 -10.23 -2.64 -9.27
N VAL B 9 -11.50 -2.82 -9.70
CA VAL B 9 -12.55 -1.81 -9.58
C VAL B 9 -13.69 -2.41 -8.76
N TYR B 10 -14.05 -1.74 -7.66
CA TYR B 10 -14.99 -2.29 -6.71
C TYR B 10 -15.67 -1.18 -5.94
N SER B 11 -16.90 -1.43 -5.50
CA SER B 11 -17.66 -0.42 -4.76
C SER B 11 -17.47 -0.58 -3.23
N ARG B 12 -17.56 0.55 -2.53
CA ARG B 12 -17.38 0.58 -1.09
C ARG B 12 -18.56 -0.06 -0.35
N HIS B 13 -19.77 0.17 -0.86
CA HIS B 13 -21.01 -0.32 -0.26
C HIS B 13 -21.76 -1.18 -1.27
N PRO B 14 -22.71 -2.01 -0.81
CA PRO B 14 -23.51 -2.74 -1.80
C PRO B 14 -24.18 -1.78 -2.78
N PRO B 15 -24.06 -2.04 -4.09
CA PRO B 15 -24.64 -1.09 -5.04
C PRO B 15 -26.18 -1.16 -5.05
N GLU B 16 -26.81 0.01 -5.00
CA GLU B 16 -28.27 0.13 -5.19
C GLU B 16 -28.48 1.24 -6.17
N ASN B 17 -29.26 0.99 -7.24
CA ASN B 17 -29.44 2.01 -8.25
C ASN B 17 -30.09 3.23 -7.64
N GLY B 18 -29.56 4.39 -8.01
CA GLY B 18 -30.03 5.66 -7.49
C GLY B 18 -29.44 6.09 -6.15
N LYS B 19 -28.67 5.22 -5.49
CA LYS B 19 -28.15 5.53 -4.16
C LYS B 19 -26.65 5.88 -4.22
N PRO B 20 -26.26 7.06 -3.68
CA PRO B 20 -24.84 7.45 -3.66
C PRO B 20 -23.95 6.41 -2.97
N ASN B 21 -22.75 6.26 -3.50
CA ASN B 21 -21.83 5.19 -3.11
C ASN B 21 -20.43 5.73 -3.41
N ILE B 22 -19.41 4.89 -3.24
CA ILE B 22 -18.05 5.25 -3.56
C ILE B 22 -17.45 4.13 -4.40
N LEU B 23 -16.84 4.50 -5.53
CA LEU B 23 -16.20 3.54 -6.44
C LEU B 23 -14.69 3.65 -6.27
N ASN B 24 -14.05 2.50 -6.09
CA ASN B 24 -12.62 2.40 -5.85
C ASN B 24 -11.94 1.82 -7.07
N CYS B 25 -10.75 2.32 -7.38
CA CYS B 25 -9.88 1.76 -8.39
C CYS B 25 -8.51 1.59 -7.75
N TYR B 26 -8.13 0.35 -7.52
CA TYR B 26 -6.89 0.00 -6.82
C TYR B 26 -5.90 -0.51 -7.84
N VAL B 27 -4.76 0.15 -7.93
CA VAL B 27 -3.77 -0.11 -8.97
C VAL B 27 -2.47 -0.57 -8.31
N THR B 28 -1.97 -1.73 -8.73
CA THR B 28 -0.89 -2.41 -8.03
C THR B 28 0.13 -2.99 -8.98
N GLN B 29 1.25 -3.42 -8.40
CA GLN B 29 2.24 -4.26 -9.08
C GLN B 29 2.94 -3.55 -10.24
N PHE B 30 3.07 -2.22 -10.18
CA PHE B 30 3.73 -1.45 -11.25
C PHE B 30 5.07 -0.87 -10.83
N HIS B 31 5.89 -0.60 -11.85
CA HIS B 31 7.19 0.04 -11.70
C HIS B 31 7.56 0.49 -13.11
N PRO B 32 8.00 1.74 -13.32
CA PRO B 32 8.29 2.74 -12.30
C PRO B 32 7.06 3.42 -11.69
N PRO B 33 7.24 4.26 -10.67
CA PRO B 33 6.07 4.81 -9.98
C PRO B 33 5.23 5.84 -10.76
N HIS B 34 5.81 6.50 -11.77
CA HIS B 34 5.03 7.45 -12.56
C HIS B 34 3.86 6.77 -13.28
N ILE B 35 2.65 7.29 -13.06
CA ILE B 35 1.43 6.66 -13.57
C ILE B 35 0.33 7.71 -13.72
N GLU B 36 -0.58 7.49 -14.67
CA GLU B 36 -1.79 8.31 -14.78
C GLU B 36 -3.00 7.40 -14.62
N ILE B 37 -3.89 7.76 -13.68
CA ILE B 37 -5.09 7.00 -13.40
C ILE B 37 -6.31 7.92 -13.60
N GLN B 38 -7.22 7.49 -14.46
CA GLN B 38 -8.49 8.18 -14.69
C GLN B 38 -9.63 7.25 -14.32
N MET B 39 -10.70 7.82 -13.76
CA MET B 39 -11.95 7.07 -13.59
C MET B 39 -12.95 7.68 -14.54
N LEU B 40 -13.74 6.84 -15.19
CA LEU B 40 -14.60 7.24 -16.29
C LEU B 40 -16.06 6.88 -15.98
N LYS B 41 -16.97 7.76 -16.40
CA LYS B 41 -18.41 7.53 -16.37
C LYS B 41 -18.90 7.66 -17.81
N ASN B 42 -19.49 6.61 -18.36
CA ASN B 42 -19.92 6.59 -19.76
C ASN B 42 -18.81 7.03 -20.74
N GLY B 43 -17.58 6.60 -20.46
CA GLY B 43 -16.42 6.97 -21.24
C GLY B 43 -15.83 8.36 -21.05
N LYS B 44 -16.41 9.19 -20.17
CA LYS B 44 -15.92 10.56 -19.90
C LYS B 44 -15.22 10.62 -18.54
N LYS B 45 -14.12 11.38 -18.48
CA LYS B 45 -13.32 11.47 -17.26
C LYS B 45 -14.11 12.10 -16.12
N ILE B 46 -14.01 11.49 -14.95
CA ILE B 46 -14.69 11.99 -13.75
C ILE B 46 -13.75 13.01 -13.14
N PRO B 47 -14.21 14.26 -12.95
CA PRO B 47 -13.27 15.29 -12.51
C PRO B 47 -12.80 15.14 -11.07
N LYS B 48 -13.71 14.82 -10.15
CA LYS B 48 -13.38 14.78 -8.73
C LYS B 48 -12.98 13.36 -8.33
N VAL B 49 -11.70 13.04 -8.55
CA VAL B 49 -11.15 11.73 -8.15
C VAL B 49 -10.05 11.97 -7.14
N GLU B 50 -10.17 11.32 -5.98
CA GLU B 50 -9.18 11.42 -4.91
C GLU B 50 -8.22 10.24 -4.97
N MET B 51 -6.95 10.51 -4.67
CA MET B 51 -5.88 9.51 -4.72
C MET B 51 -5.26 9.39 -3.33
N SER B 52 -5.00 8.16 -2.89
CA SER B 52 -4.12 7.93 -1.73
C SER B 52 -2.69 8.31 -2.06
N ASP B 53 -1.85 8.37 -1.03
CA ASP B 53 -0.43 8.55 -1.25
C ASP B 53 0.11 7.27 -1.83
N MET B 54 0.97 7.38 -2.83
CA MET B 54 1.59 6.20 -3.39
C MET B 54 2.45 5.52 -2.35
N SER B 55 2.42 4.19 -2.37
CA SER B 55 3.21 3.41 -1.46
C SER B 55 3.79 2.22 -2.23
N PHE B 56 4.52 1.36 -1.55
CA PHE B 56 4.99 0.13 -2.19
C PHE B 56 4.99 -1.04 -1.23
N SER B 57 4.96 -2.23 -1.82
CA SER B 57 4.83 -3.49 -1.10
C SER B 57 6.21 -4.09 -0.75
N LYS B 58 6.19 -5.23 -0.06
CA LYS B 58 7.43 -5.95 0.28
C LYS B 58 8.27 -6.26 -0.96
N ASP B 59 7.63 -6.62 -2.07
CA ASP B 59 8.35 -6.92 -3.33
C ASP B 59 8.82 -5.69 -4.12
N TRP B 60 8.69 -4.50 -3.52
CA TRP B 60 9.12 -3.22 -4.10
C TRP B 60 8.18 -2.60 -5.14
N SER B 61 7.14 -3.32 -5.56
CA SER B 61 6.20 -2.82 -6.55
C SER B 61 5.26 -1.78 -5.90
N PHE B 62 4.86 -0.81 -6.71
CA PHE B 62 4.09 0.32 -6.21
C PHE B 62 2.60 0.03 -6.22
N TYR B 63 1.88 0.70 -5.33
CA TYR B 63 0.41 0.67 -5.39
C TYR B 63 -0.19 1.99 -4.99
N ILE B 64 -1.42 2.21 -5.45
CA ILE B 64 -2.14 3.41 -5.12
C ILE B 64 -3.64 3.17 -5.29
N LEU B 65 -4.43 3.85 -4.44
CA LEU B 65 -5.88 3.76 -4.49
C LEU B 65 -6.47 5.07 -4.99
N ALA B 66 -7.30 4.98 -6.02
CA ALA B 66 -8.12 6.09 -6.50
C ALA B 66 -9.55 5.81 -6.09
N HIS B 67 -10.29 6.86 -5.75
CA HIS B 67 -11.72 6.68 -5.49
C HIS B 67 -12.52 7.93 -5.82
N THR B 68 -13.81 7.71 -6.08
CA THR B 68 -14.74 8.77 -6.40
C THR B 68 -16.15 8.46 -5.93
N GLU B 69 -16.89 9.51 -5.59
CA GLU B 69 -18.33 9.40 -5.37
C GLU B 69 -18.99 8.99 -6.68
N PHE B 70 -19.94 8.07 -6.59
CA PHE B 70 -20.75 7.72 -7.76
C PHE B 70 -22.12 7.25 -7.30
N THR B 71 -23.07 7.38 -8.22
CA THR B 71 -24.42 6.92 -8.01
C THR B 71 -24.73 5.98 -9.16
N PRO B 72 -24.64 4.66 -8.91
CA PRO B 72 -24.89 3.70 -9.97
C PRO B 72 -26.35 3.75 -10.40
N THR B 73 -26.57 3.53 -11.69
CA THR B 73 -27.90 3.41 -12.27
C THR B 73 -27.89 2.17 -13.14
N GLU B 74 -29.05 1.81 -13.68
CA GLU B 74 -29.16 0.63 -14.54
C GLU B 74 -28.37 0.76 -15.84
N THR B 75 -28.15 2.00 -16.30
CA THR B 75 -27.60 2.27 -17.62
C THR B 75 -26.22 2.93 -17.65
N ASP B 76 -25.71 3.44 -16.53
CA ASP B 76 -24.39 4.07 -16.52
C ASP B 76 -23.30 3.01 -16.43
N THR B 77 -22.19 3.21 -17.13
CA THR B 77 -21.04 2.33 -17.05
C THR B 77 -19.92 3.13 -16.41
N TYR B 78 -19.11 2.45 -15.62
CA TYR B 78 -17.98 3.10 -14.97
C TYR B 78 -16.73 2.27 -15.25
N ALA B 79 -15.60 2.95 -15.35
CA ALA B 79 -14.35 2.27 -15.64
C ALA B 79 -13.18 3.01 -15.00
N CYS B 80 -12.04 2.34 -14.99
CA CYS B 80 -10.79 2.92 -14.55
C CYS B 80 -9.74 2.66 -15.63
N ARG B 81 -9.09 3.72 -16.09
CA ARG B 81 -8.14 3.66 -17.18
C ARG B 81 -6.78 4.16 -16.72
N VAL B 82 -5.75 3.40 -17.04
CA VAL B 82 -4.40 3.62 -16.55
C VAL B 82 -3.41 3.72 -17.72
N LYS B 83 -2.61 4.78 -17.71
CA LYS B 83 -1.46 4.96 -18.62
C LYS B 83 -0.17 4.82 -17.84
N HIS B 84 0.76 4.03 -18.37
CA HIS B 84 2.00 3.70 -17.68
C HIS B 84 3.03 3.27 -18.72
N ALA B 85 4.30 3.57 -18.47
CA ALA B 85 5.38 3.31 -19.43
C ALA B 85 5.52 1.85 -19.85
N SER B 86 5.15 0.92 -18.98
CA SER B 86 5.13 -0.49 -19.28
C SER B 86 4.17 -0.95 -20.39
N MET B 87 3.22 -0.10 -20.74
CA MET B 87 2.19 -0.44 -21.73
C MET B 87 2.13 0.62 -22.83
N ALA B 88 2.17 0.16 -24.08
CA ALA B 88 2.03 1.04 -25.25
C ALA B 88 0.63 1.66 -25.32
N GLU B 89 -0.39 0.89 -24.89
CA GLU B 89 -1.78 1.36 -24.87
C GLU B 89 -2.29 1.51 -23.43
N PRO B 90 -3.14 2.52 -23.17
CA PRO B 90 -3.80 2.58 -21.85
C PRO B 90 -4.60 1.31 -21.57
N LYS B 91 -4.67 0.91 -20.32
CA LYS B 91 -5.41 -0.27 -19.90
C LYS B 91 -6.68 0.18 -19.22
N THR B 92 -7.83 -0.37 -19.64
CA THR B 92 -9.10 0.00 -19.07
C THR B 92 -9.73 -1.23 -18.41
N VAL B 93 -10.20 -1.05 -17.18
CA VAL B 93 -10.98 -2.08 -16.50
C VAL B 93 -12.35 -1.47 -16.16
N TYR B 94 -13.41 -2.18 -16.53
CA TYR B 94 -14.77 -1.75 -16.24
C TYR B 94 -15.26 -2.27 -14.91
N TRP B 95 -16.04 -1.45 -14.22
CA TRP B 95 -16.76 -1.92 -13.06
C TRP B 95 -17.87 -2.82 -13.57
N ASP B 96 -17.98 -3.98 -12.96
CA ASP B 96 -19.13 -4.83 -13.18
C ASP B 96 -19.62 -5.23 -11.81
N ARG B 97 -20.76 -4.67 -11.42
CA ARG B 97 -21.35 -4.91 -10.08
C ARG B 97 -21.58 -6.39 -9.78
N ASP B 98 -21.87 -7.16 -10.83
CA ASP B 98 -22.09 -8.60 -10.73
C ASP B 98 -20.80 -9.42 -10.57
N MET B 99 -19.67 -8.83 -10.97
CA MET B 99 -18.37 -9.48 -10.99
C MET B 99 -17.67 -9.33 -9.64
#